data_2I6T
#
_entry.id   2I6T
#
_cell.length_a   53.088
_cell.length_b   98.912
_cell.length_c   126.753
_cell.angle_alpha   90.00
_cell.angle_beta   90.00
_cell.angle_gamma   90.00
#
_symmetry.space_group_name_H-M   'P 21 21 2'
#
loop_
_entity.id
_entity.type
_entity.pdbx_description
1 polymer 'UBIQUITIN-CONJUGATING ENZYME E2-LIKE ISOFORM A'
2 non-polymer 'SULFATE ION'
3 non-polymer GLYCEROL
4 water water
#
_entity_poly.entity_id   1
_entity_poly.type   'polypeptide(L)'
_entity_poly.pdbx_seq_one_letter_code
;GSSKSWANHENKTVNKITVVGGGELGIACTLAISAKGIADRLVLLDLSEGTKGATMDLEIFNLPNVEISKDLSASAHSKV
VIFTVNSLGSSQSYLDVVQSNVDMFRALVPALGHYSQHSVLLVASQPVEIMTYVTWKLSTFPANRVIGIGCNLDSQRLQY
IITNVLKAQTSGKEVWVIGEQGEDKVLTWSGQEEVVSHTSQVQLSNRAMELLRVKGQRSWSVGLSVADMVDSIVNNKKKV
HSVSALAKGYYDINSEVFLSLPCILGTNGVSEVIKTTLKEDTVTEKLQSSASSIHSLQQQLKL
;
_entity_poly.pdbx_strand_id   A,B
#
loop_
_chem_comp.id
_chem_comp.type
_chem_comp.name
_chem_comp.formula
GOL non-polymer GLYCEROL 'C3 H8 O3'
SO4 non-polymer 'SULFATE ION' 'O4 S -2'
#
# COMPACT_ATOMS: atom_id res chain seq x y z
N VAL A 14 -25.63 -6.50 -3.92
CA VAL A 14 -24.47 -5.71 -4.41
C VAL A 14 -23.73 -5.01 -3.27
N ASN A 15 -22.47 -5.36 -3.13
CA ASN A 15 -21.61 -4.77 -2.12
C ASN A 15 -20.89 -3.58 -2.72
N LYS A 16 -21.46 -2.38 -2.56
CA LYS A 16 -20.80 -1.14 -2.98
C LYS A 16 -20.10 -0.51 -1.79
N ILE A 17 -18.84 -0.16 -1.98
CA ILE A 17 -18.01 0.38 -0.92
C ILE A 17 -17.35 1.63 -1.42
N THR A 18 -17.30 2.66 -0.57
CA THR A 18 -16.63 3.90 -0.93
C THR A 18 -15.47 4.15 -0.02
N VAL A 19 -14.33 4.47 -0.64
CA VAL A 19 -13.14 4.93 0.08
C VAL A 19 -13.01 6.41 -0.15
N VAL A 20 -12.95 7.17 0.95
CA VAL A 20 -12.92 8.62 0.85
C VAL A 20 -11.47 9.04 1.04
N GLY A 21 -10.88 9.59 -0.02
CA GLY A 21 -9.49 10.04 0.02
C GLY A 21 -8.60 9.14 -0.81
N GLY A 22 -7.73 9.75 -1.61
CA GLY A 22 -6.82 9.03 -2.51
C GLY A 22 -5.37 9.15 -2.11
N GLY A 23 -5.11 9.55 -0.86
CA GLY A 23 -3.77 9.48 -0.28
C GLY A 23 -3.30 8.05 -0.11
N GLU A 24 -2.16 7.90 0.53
CA GLU A 24 -1.54 6.60 0.78
C GLU A 24 -2.49 5.60 1.48
N LEU A 25 -3.16 6.04 2.55
CA LEU A 25 -4.15 5.22 3.27
C LEU A 25 -5.29 4.74 2.36
N GLY A 26 -5.86 5.67 1.58
CA GLY A 26 -6.96 5.35 0.67
C GLY A 26 -6.58 4.29 -0.35
N ILE A 27 -5.39 4.44 -0.93
CA ILE A 27 -4.84 3.44 -1.83
C ILE A 27 -4.65 2.10 -1.10
N ALA A 28 -4.04 2.15 0.08
CA ALA A 28 -3.84 0.95 0.91
C ALA A 28 -5.15 0.21 1.13
N CYS A 29 -6.19 0.95 1.53
CA CYS A 29 -7.51 0.35 1.73
C CYS A 29 -8.09 -0.26 0.45
N THR A 30 -7.99 0.47 -0.66
CA THR A 30 -8.54 -0.02 -1.92
C THR A 30 -7.89 -1.34 -2.37
N LEU A 31 -6.58 -1.40 -2.25
CA LEU A 31 -5.82 -2.58 -2.66
C LEU A 31 -6.09 -3.73 -1.75
N ALA A 32 -6.15 -3.47 -0.44
CA ALA A 32 -6.45 -4.56 0.51
C ALA A 32 -7.85 -5.11 0.23
N ILE A 33 -8.83 -4.23 0.05
CA ILE A 33 -10.19 -4.66 -0.24
C ILE A 33 -10.26 -5.47 -1.55
N SER A 34 -9.63 -4.95 -2.62
CA SER A 34 -9.59 -5.63 -3.92
C SER A 34 -8.91 -6.99 -3.82
N ALA A 35 -7.79 -7.02 -3.10
CA ALA A 35 -7.00 -8.26 -2.91
C ALA A 35 -7.82 -9.39 -2.33
N LYS A 36 -8.74 -9.06 -1.43
CA LYS A 36 -9.55 -10.04 -0.73
C LYS A 36 -10.87 -10.34 -1.47
N GLY A 37 -11.17 -9.59 -2.54
CA GLY A 37 -12.40 -9.81 -3.31
C GLY A 37 -13.68 -9.42 -2.58
N ILE A 38 -13.54 -8.49 -1.63
CA ILE A 38 -14.64 -8.09 -0.74
C ILE A 38 -15.73 -7.28 -1.48
N ALA A 39 -15.33 -6.36 -2.35
CA ALA A 39 -16.26 -5.47 -3.01
C ALA A 39 -16.72 -5.88 -4.41
N ASP A 40 -18.03 -5.82 -4.64
CA ASP A 40 -18.59 -5.92 -5.98
C ASP A 40 -18.31 -4.66 -6.76
N ARG A 41 -18.33 -3.52 -6.07
CA ARG A 41 -17.99 -2.24 -6.65
C ARG A 41 -17.34 -1.39 -5.57
N LEU A 42 -16.23 -0.76 -5.93
CA LEU A 42 -15.50 0.05 -4.99
C LEU A 42 -15.31 1.38 -5.66
N VAL A 43 -15.73 2.45 -4.98
CA VAL A 43 -15.53 3.79 -5.47
C VAL A 43 -14.45 4.45 -4.62
N LEU A 44 -13.42 4.95 -5.27
CA LEU A 44 -12.38 5.68 -4.57
C LEU A 44 -12.54 7.15 -4.93
N LEU A 45 -12.74 7.98 -3.91
CA LEU A 45 -12.96 9.40 -4.12
C LEU A 45 -11.65 10.13 -4.01
N ASP A 46 -11.24 10.67 -5.14
CA ASP A 46 -10.05 11.48 -5.22
C ASP A 46 -10.39 12.94 -4.91
N LEU A 47 -9.92 13.43 -3.77
CA LEU A 47 -10.20 14.79 -3.33
C LEU A 47 -9.11 15.82 -3.69
N SER A 48 -8.18 15.46 -4.58
CA SER A 48 -7.05 16.35 -4.87
C SER A 48 -7.25 17.22 -6.11
N ALA A 54 -0.89 9.69 -7.31
CA ALA A 54 -0.99 8.22 -7.16
C ALA A 54 -2.39 7.67 -7.48
N THR A 55 -3.37 8.56 -7.58
CA THR A 55 -4.73 8.14 -7.88
C THR A 55 -4.89 7.80 -9.36
N MET A 56 -4.34 8.62 -10.25
CA MET A 56 -4.26 8.30 -11.67
C MET A 56 -3.53 6.98 -11.93
N ASP A 57 -2.52 6.68 -11.11
CA ASP A 57 -1.81 5.41 -11.28
C ASP A 57 -2.75 4.21 -11.07
N LEU A 58 -3.69 4.36 -10.14
CA LEU A 58 -4.64 3.31 -9.85
C LEU A 58 -5.61 3.18 -11.01
N GLU A 59 -5.97 4.31 -11.62
CA GLU A 59 -6.78 4.27 -12.84
C GLU A 59 -6.04 3.54 -13.97
N ILE A 60 -4.78 3.90 -14.20
CA ILE A 60 -3.94 3.15 -15.15
C ILE A 60 -3.91 1.64 -14.88
N PHE A 61 -3.71 1.26 -13.63
CA PHE A 61 -3.66 -0.14 -13.22
C PHE A 61 -4.94 -0.93 -13.56
N ASN A 62 -6.08 -0.25 -13.58
CA ASN A 62 -7.34 -0.77 -14.11
C ASN A 62 -7.87 -2.04 -13.44
N LEU A 63 -8.11 -1.95 -12.13
CA LEU A 63 -8.77 -3.01 -11.36
C LEU A 63 -10.25 -3.14 -11.75
N PRO A 64 -10.72 -4.38 -12.02
CA PRO A 64 -12.13 -4.50 -12.37
C PRO A 64 -13.00 -4.05 -11.19
N ASN A 65 -14.12 -3.40 -11.47
CA ASN A 65 -15.06 -3.04 -10.40
C ASN A 65 -14.51 -2.00 -9.40
N VAL A 66 -13.44 -1.31 -9.79
CA VAL A 66 -12.96 -0.15 -9.04
C VAL A 66 -13.20 1.10 -9.90
N GLU A 67 -13.91 2.08 -9.34
CA GLU A 67 -14.14 3.34 -10.01
C GLU A 67 -13.45 4.49 -9.28
N ILE A 68 -12.63 5.24 -10.00
CA ILE A 68 -12.01 6.45 -9.42
C ILE A 68 -12.74 7.71 -9.90
N SER A 69 -13.09 8.59 -8.96
CA SER A 69 -13.97 9.73 -9.25
C SER A 69 -13.66 10.89 -8.31
N LYS A 70 -13.93 12.11 -8.78
CA LYS A 70 -13.85 13.32 -7.96
C LYS A 70 -15.26 13.75 -7.58
N ASP A 71 -16.25 13.03 -8.07
CA ASP A 71 -17.64 13.39 -7.81
C ASP A 71 -18.16 12.66 -6.58
N LEU A 72 -18.49 13.41 -5.52
CA LEU A 72 -19.03 12.79 -4.29
C LEU A 72 -20.23 11.88 -4.55
N SER A 73 -21.06 12.25 -5.52
CA SER A 73 -22.28 11.51 -5.76
C SER A 73 -21.94 10.17 -6.33
N ALA A 74 -20.68 9.94 -6.77
CA ALA A 74 -20.33 8.58 -7.25
C ALA A 74 -20.52 7.56 -6.13
N SER A 75 -20.56 8.05 -4.87
CA SER A 75 -20.63 7.16 -3.72
C SER A 75 -22.03 6.63 -3.44
N ALA A 76 -23.05 7.18 -4.08
CA ALA A 76 -24.45 6.86 -3.75
C ALA A 76 -24.69 5.35 -3.57
N HIS A 77 -25.43 5.04 -2.50
CA HIS A 77 -25.91 3.66 -2.15
C HIS A 77 -24.82 2.70 -1.67
N SER A 78 -23.82 3.21 -0.97
CA SER A 78 -22.73 2.34 -0.51
C SER A 78 -23.21 1.60 0.72
N LYS A 79 -22.71 0.38 0.93
CA LYS A 79 -22.89 -0.32 2.18
C LYS A 79 -22.00 0.27 3.29
N VAL A 80 -20.81 0.77 2.91
CA VAL A 80 -19.81 1.28 3.86
C VAL A 80 -19.11 2.47 3.23
N VAL A 81 -18.84 3.52 4.02
CA VAL A 81 -18.05 4.66 3.54
C VAL A 81 -16.86 4.83 4.47
N ILE A 82 -15.65 4.71 3.92
CA ILE A 82 -14.44 4.62 4.70
C ILE A 82 -13.72 5.95 4.59
N PHE A 83 -13.57 6.62 5.72
CA PHE A 83 -12.91 7.95 5.75
C PHE A 83 -11.42 7.78 6.00
N THR A 84 -10.62 8.13 5.01
CA THR A 84 -9.17 7.99 5.13
C THR A 84 -8.45 9.34 4.97
N VAL A 85 -9.18 10.45 4.94
CA VAL A 85 -8.54 11.76 4.73
C VAL A 85 -7.84 12.26 5.97
N ASN A 86 -6.72 12.92 5.76
CA ASN A 86 -5.89 13.45 6.84
C ASN A 86 -5.37 14.85 6.51
N SER A 87 -5.22 15.66 7.55
CA SER A 87 -4.67 17.02 7.46
C SER A 87 -3.21 17.03 7.06
N GLN A 92 1.86 23.05 13.25
CA GLN A 92 0.88 23.79 14.02
C GLN A 92 0.63 23.04 15.33
N SER A 93 -0.13 23.64 16.25
CA SER A 93 -0.53 22.95 17.48
C SER A 93 -1.48 21.80 17.16
N TYR A 94 -1.64 20.89 18.11
CA TYR A 94 -2.47 19.71 17.92
C TYR A 94 -3.94 20.07 17.63
N LEU A 95 -4.51 20.97 18.43
CA LEU A 95 -5.85 21.46 18.16
C LEU A 95 -6.04 21.98 16.71
N ASP A 96 -5.05 22.70 16.17
CA ASP A 96 -5.14 23.30 14.85
C ASP A 96 -5.05 22.21 13.79
N VAL A 97 -4.22 21.21 14.05
CA VAL A 97 -4.08 20.06 13.15
C VAL A 97 -5.41 19.28 13.10
N VAL A 98 -6.01 19.09 14.27
CA VAL A 98 -7.30 18.41 14.38
C VAL A 98 -8.41 19.26 13.70
N GLN A 99 -8.51 20.53 14.07
CA GLN A 99 -9.49 21.42 13.45
C GLN A 99 -9.34 21.48 11.92
N SER A 100 -8.11 21.40 11.43
CA SER A 100 -7.94 21.41 9.98
C SER A 100 -8.53 20.11 9.35
N ASN A 101 -8.43 19.00 10.09
CA ASN A 101 -9.00 17.74 9.63
C ASN A 101 -10.52 17.85 9.69
N VAL A 102 -11.04 18.42 10.76
CA VAL A 102 -12.46 18.69 10.95
C VAL A 102 -13.04 19.56 9.83
N ASP A 103 -12.31 20.61 9.42
CA ASP A 103 -12.78 21.42 8.30
C ASP A 103 -12.97 20.58 7.01
N MET A 104 -12.09 19.62 6.74
CA MET A 104 -12.24 18.74 5.58
C MET A 104 -13.49 17.86 5.74
N PHE A 105 -13.71 17.32 6.94
CA PHE A 105 -14.88 16.44 7.19
C PHE A 105 -16.20 17.18 7.04
N ARG A 106 -16.21 18.43 7.49
CA ARG A 106 -17.37 19.32 7.34
C ARG A 106 -17.82 19.52 5.89
N ALA A 107 -16.85 19.63 4.99
CA ALA A 107 -17.14 19.71 3.57
C ALA A 107 -17.62 18.38 2.97
N LEU A 108 -17.38 17.27 3.67
CA LEU A 108 -17.51 15.92 3.07
C LEU A 108 -18.61 15.04 3.66
N VAL A 109 -18.66 14.94 4.99
CA VAL A 109 -19.52 13.99 5.71
C VAL A 109 -21.02 14.18 5.47
N PRO A 110 -21.52 15.42 5.64
CA PRO A 110 -22.94 15.65 5.35
C PRO A 110 -23.37 15.11 3.97
N ALA A 111 -22.60 15.44 2.94
CA ALA A 111 -22.92 15.09 1.59
C ALA A 111 -22.91 13.58 1.45
N LEU A 112 -21.86 12.94 1.96
CA LEU A 112 -21.70 11.47 1.86
C LEU A 112 -22.73 10.70 2.66
N GLY A 113 -23.06 11.21 3.84
CA GLY A 113 -24.16 10.59 4.63
C GLY A 113 -25.46 10.56 3.81
N HIS A 114 -25.76 11.68 3.16
CA HIS A 114 -26.98 11.83 2.36
C HIS A 114 -27.02 10.91 1.14
N TYR A 115 -25.87 10.69 0.49
CA TYR A 115 -25.76 9.73 -0.63
C TYR A 115 -25.96 8.27 -0.27
N SER A 116 -25.58 7.90 0.97
CA SER A 116 -25.63 6.49 1.39
C SER A 116 -26.22 6.42 2.80
N GLN A 117 -27.49 6.76 2.90
CA GLN A 117 -28.19 6.83 4.17
C GLN A 117 -28.32 5.51 4.94
N HIS A 118 -28.09 4.38 4.27
CA HIS A 118 -28.14 3.07 4.96
C HIS A 118 -26.78 2.48 5.28
N SER A 119 -25.72 3.27 5.08
CA SER A 119 -24.37 2.78 5.23
C SER A 119 -23.89 2.78 6.69
N VAL A 120 -22.77 2.09 6.90
CA VAL A 120 -21.96 2.27 8.07
C VAL A 120 -20.85 3.21 7.61
N LEU A 121 -20.57 4.23 8.42
CA LEU A 121 -19.40 5.09 8.19
C LEU A 121 -18.27 4.56 9.06
N LEU A 122 -17.16 4.21 8.41
CA LEU A 122 -15.97 3.69 9.09
C LEU A 122 -14.84 4.72 9.01
N VAL A 123 -14.37 5.21 10.16
CA VAL A 123 -13.39 6.28 10.18
C VAL A 123 -11.99 5.74 10.41
N ALA A 124 -11.11 5.85 9.41
CA ALA A 124 -9.69 5.50 9.61
C ALA A 124 -8.77 6.73 9.88
N SER A 125 -9.31 7.93 9.71
CA SER A 125 -8.54 9.16 9.84
C SER A 125 -8.15 9.40 11.29
N GLN A 126 -6.97 9.96 11.50
CA GLN A 126 -6.45 10.23 12.83
C GLN A 126 -6.74 11.69 13.18
N PRO A 127 -6.90 12.02 14.48
CA PRO A 127 -7.01 11.06 15.61
C PRO A 127 -8.38 10.38 15.58
N VAL A 128 -8.37 9.06 15.65
CA VAL A 128 -9.52 8.26 15.24
C VAL A 128 -10.72 8.52 16.12
N GLU A 129 -10.52 8.65 17.44
CA GLU A 129 -11.65 8.72 18.35
C GLU A 129 -12.42 10.01 18.12
N ILE A 130 -11.67 11.09 18.00
CA ILE A 130 -12.26 12.40 17.74
C ILE A 130 -12.89 12.48 16.34
N MET A 131 -12.19 11.99 15.33
CA MET A 131 -12.73 12.05 13.94
C MET A 131 -13.98 11.21 13.78
N THR A 132 -14.11 10.13 14.55
CA THR A 132 -15.37 9.31 14.55
C THR A 132 -16.53 10.13 15.16
N TYR A 133 -16.27 10.80 16.26
CA TYR A 133 -17.28 11.65 16.89
C TYR A 133 -17.73 12.77 15.94
N VAL A 134 -16.75 13.40 15.31
CA VAL A 134 -16.98 14.42 14.29
C VAL A 134 -17.86 13.90 13.13
N THR A 135 -17.51 12.75 12.57
CA THR A 135 -18.30 12.09 11.53
C THR A 135 -19.71 11.78 12.03
N TRP A 136 -19.83 11.29 13.26
CA TRP A 136 -21.14 11.02 13.87
C TRP A 136 -22.00 12.27 13.90
N LYS A 137 -21.46 13.35 14.45
CA LYS A 137 -22.17 14.64 14.53
C LYS A 137 -22.55 15.19 13.14
N LEU A 138 -21.63 15.14 12.18
CA LEU A 138 -21.88 15.76 10.87
C LEU A 138 -22.89 14.96 10.02
N SER A 139 -22.88 13.64 10.19
CA SER A 139 -23.74 12.77 9.37
C SER A 139 -25.16 12.68 9.92
N THR A 140 -25.31 12.89 11.22
CA THR A 140 -26.55 12.61 11.97
C THR A 140 -26.98 11.12 12.02
N PHE A 141 -26.06 10.22 11.65
CA PHE A 141 -26.32 8.80 11.70
C PHE A 141 -26.50 8.35 13.14
N PRO A 142 -27.27 7.27 13.35
CA PRO A 142 -27.33 6.64 14.65
C PRO A 142 -25.92 6.20 15.01
N ALA A 143 -25.58 6.29 16.30
CA ALA A 143 -24.25 5.91 16.72
C ALA A 143 -23.87 4.49 16.34
N ASN A 144 -24.84 3.56 16.28
CA ASN A 144 -24.44 2.19 15.98
C ASN A 144 -23.89 2.03 14.56
N ARG A 145 -24.05 3.06 13.74
CA ARG A 145 -23.58 3.01 12.35
C ARG A 145 -22.45 3.97 12.05
N VAL A 146 -21.78 4.46 13.10
CA VAL A 146 -20.58 5.27 12.92
C VAL A 146 -19.51 4.75 13.86
N ILE A 147 -18.48 4.13 13.28
CA ILE A 147 -17.42 3.52 14.04
C ILE A 147 -16.05 3.94 13.52
N GLY A 148 -15.05 3.83 14.38
CA GLY A 148 -13.66 4.13 13.95
C GLY A 148 -12.87 2.84 13.98
N ILE A 149 -11.71 2.85 13.32
CA ILE A 149 -10.87 1.66 13.24
C ILE A 149 -10.37 1.19 14.60
N GLY A 150 -10.33 2.11 15.57
CA GLY A 150 -10.09 1.77 16.99
C GLY A 150 -8.83 0.96 17.17
N CYS A 151 -8.93 -0.11 17.95
CA CYS A 151 -7.81 -0.98 18.24
C CYS A 151 -7.97 -2.34 17.57
N ASN A 152 -8.71 -2.37 16.47
CA ASN A 152 -8.92 -3.63 15.72
C ASN A 152 -7.59 -4.24 15.24
N LEU A 153 -6.68 -3.37 14.79
CA LEU A 153 -5.40 -3.81 14.27
C LEU A 153 -4.61 -4.49 15.37
N ASP A 154 -4.37 -3.78 16.48
CA ASP A 154 -3.72 -4.37 17.67
C ASP A 154 -4.41 -5.64 18.18
N SER A 155 -5.74 -5.63 18.25
CA SER A 155 -6.50 -6.82 18.72
C SER A 155 -6.30 -8.01 17.81
N GLN A 156 -6.36 -7.80 16.48
CA GLN A 156 -6.21 -8.93 15.55
C GLN A 156 -4.83 -9.53 15.58
N ARG A 157 -3.82 -8.68 15.73
CA ARG A 157 -2.43 -9.12 15.82
C ARG A 157 -2.28 -9.97 17.06
N LEU A 158 -2.76 -9.43 18.17
CA LEU A 158 -2.70 -10.09 19.48
C LEU A 158 -3.41 -11.45 19.44
N GLN A 159 -4.64 -11.50 18.94
CA GLN A 159 -5.36 -12.80 18.82
C GLN A 159 -4.66 -13.80 17.90
N TYR A 160 -4.16 -13.27 16.77
CA TYR A 160 -3.40 -14.07 15.85
C TYR A 160 -2.20 -14.72 16.49
N ILE A 161 -1.38 -13.91 17.15
CA ILE A 161 -0.19 -14.38 17.78
C ILE A 161 -0.52 -15.48 18.78
N ILE A 162 -1.50 -15.24 19.63
CA ILE A 162 -1.91 -16.22 20.62
C ILE A 162 -2.47 -17.49 19.97
N THR A 163 -3.36 -17.35 18.98
CA THR A 163 -4.06 -18.55 18.44
C THR A 163 -3.11 -19.35 17.53
N ASN A 164 -2.36 -18.65 16.66
CA ASN A 164 -1.52 -19.26 15.60
C ASN A 164 -0.05 -19.45 15.92
N VAL A 165 0.53 -18.52 16.68
CA VAL A 165 1.92 -18.69 17.07
C VAL A 165 2.02 -19.45 18.40
N LEU A 166 1.26 -19.02 19.41
CA LEU A 166 1.32 -19.69 20.70
C LEU A 166 0.40 -20.90 20.79
N LYS A 167 -0.43 -21.10 19.76
CA LYS A 167 -1.30 -22.27 19.67
C LYS A 167 -2.37 -22.38 20.78
N ALA A 168 -2.85 -21.26 21.30
CA ALA A 168 -3.97 -21.27 22.23
C ALA A 168 -5.21 -20.92 21.40
N GLN A 169 -5.67 -21.88 20.62
CA GLN A 169 -6.70 -21.63 19.61
C GLN A 169 -8.06 -21.13 20.14
N THR A 170 -8.40 -21.41 21.40
CA THR A 170 -9.61 -20.80 21.97
C THR A 170 -9.40 -19.54 22.84
N SER A 171 -8.45 -19.60 23.77
CA SER A 171 -8.14 -18.44 24.66
C SER A 171 -7.82 -17.17 23.87
N GLY A 172 -7.05 -17.32 22.79
CA GLY A 172 -6.66 -16.20 21.93
C GLY A 172 -7.80 -15.45 21.29
N LYS A 173 -8.98 -16.05 21.24
CA LYS A 173 -10.14 -15.37 20.71
C LYS A 173 -10.82 -14.45 21.72
N GLU A 174 -10.38 -14.52 22.95
CA GLU A 174 -11.05 -13.82 24.02
C GLU A 174 -10.30 -12.63 24.61
N VAL A 175 -9.22 -12.19 23.96
CA VAL A 175 -8.46 -11.05 24.48
C VAL A 175 -8.56 -9.90 23.50
N TRP A 176 -8.74 -8.67 24.03
CA TRP A 176 -9.05 -7.50 23.25
C TRP A 176 -8.18 -6.34 23.74
N VAL A 177 -7.74 -5.53 22.79
CA VAL A 177 -7.17 -4.23 23.09
C VAL A 177 -8.33 -3.23 22.96
N ILE A 178 -8.50 -2.39 23.98
CA ILE A 178 -9.63 -1.48 24.06
C ILE A 178 -9.17 -0.06 24.41
N GLY A 179 -10.13 0.87 24.35
CA GLY A 179 -9.89 2.25 24.72
C GLY A 179 -9.40 3.13 23.58
N GLU A 180 -8.46 3.99 23.92
CA GLU A 180 -7.94 5.01 23.05
C GLU A 180 -6.73 4.44 22.34
N GLN A 181 -6.69 4.55 21.02
CA GLN A 181 -5.57 3.96 20.30
C GLN A 181 -4.27 4.70 20.66
N GLY A 182 -3.19 3.93 20.88
CA GLY A 182 -1.86 4.44 21.19
C GLY A 182 -0.92 3.30 21.57
N GLU A 183 0.32 3.63 21.94
CA GLU A 183 1.32 2.62 22.29
C GLU A 183 0.99 1.84 23.56
N ASP A 184 0.29 2.46 24.49
CA ASP A 184 -0.18 1.74 25.67
C ASP A 184 -1.35 0.84 25.25
N LYS A 185 -1.18 -0.48 25.34
CA LYS A 185 -2.28 -1.40 25.01
C LYS A 185 -3.04 -1.78 26.28
N VAL A 186 -4.28 -1.31 26.40
CA VAL A 186 -5.13 -1.68 27.51
C VAL A 186 -5.86 -2.96 27.11
N LEU A 187 -5.63 -4.03 27.87
CA LEU A 187 -6.18 -5.35 27.53
C LEU A 187 -7.37 -5.71 28.41
N THR A 188 -8.31 -6.46 27.85
CA THR A 188 -9.45 -6.98 28.59
C THR A 188 -9.87 -8.31 28.01
N TRP A 189 -10.57 -9.14 28.77
CA TRP A 189 -10.92 -10.48 28.31
C TRP A 189 -12.44 -10.69 28.27
N SER A 190 -12.93 -11.20 27.13
CA SER A 190 -14.30 -11.66 27.01
C SER A 190 -14.37 -13.11 27.46
N GLY A 191 -15.57 -13.67 27.53
CA GLY A 191 -15.76 -15.04 28.01
C GLY A 191 -16.89 -15.64 27.25
N GLN A 192 -16.86 -15.48 25.92
CA GLN A 192 -17.94 -15.96 25.08
C GLN A 192 -17.83 -17.46 24.74
N GLU A 193 -16.66 -18.04 24.96
CA GLU A 193 -16.41 -19.45 24.60
C GLU A 193 -15.76 -20.30 25.69
N GLU A 194 -15.04 -19.65 26.58
CA GLU A 194 -14.16 -20.36 27.50
C GLU A 194 -13.79 -19.53 28.69
N VAL A 195 -13.68 -20.18 29.85
CA VAL A 195 -13.04 -19.58 31.02
C VAL A 195 -11.54 -19.68 30.78
N VAL A 196 -10.82 -18.60 31.02
CA VAL A 196 -9.35 -18.60 30.90
C VAL A 196 -8.84 -18.18 32.27
N SER A 197 -8.07 -19.07 32.90
CA SER A 197 -7.46 -18.74 34.22
C SER A 197 -6.51 -17.55 34.16
N HIS A 198 -6.40 -16.81 35.26
CA HIS A 198 -5.56 -15.63 35.32
C HIS A 198 -4.15 -16.05 34.90
N THR A 199 -3.65 -17.20 35.39
CA THR A 199 -2.25 -17.63 35.07
C THR A 199 -1.99 -17.71 33.60
N SER A 200 -2.95 -18.29 32.87
CA SER A 200 -2.88 -18.40 31.41
C SER A 200 -3.04 -17.07 30.70
N GLN A 201 -3.95 -16.25 31.19
CA GLN A 201 -4.16 -14.91 30.65
C GLN A 201 -2.83 -14.14 30.68
N VAL A 202 -2.18 -14.15 31.84
CA VAL A 202 -0.90 -13.46 32.01
C VAL A 202 0.24 -13.97 31.11
N GLN A 203 0.43 -15.29 31.04
CA GLN A 203 1.56 -15.82 30.27
C GLN A 203 1.32 -15.63 28.78
N LEU A 204 0.09 -15.85 28.34
CA LEU A 204 -0.24 -15.78 26.93
C LEU A 204 -0.14 -14.35 26.45
N SER A 205 -0.59 -13.39 27.29
CA SER A 205 -0.52 -11.98 26.86
C SER A 205 0.90 -11.40 26.96
N ASN A 206 1.65 -11.78 28.00
CA ASN A 206 3.08 -11.39 28.06
C ASN A 206 3.92 -11.93 26.90
N ARG A 207 3.81 -13.24 26.64
CA ARG A 207 4.54 -13.84 25.53
C ARG A 207 4.16 -13.14 24.21
N ALA A 208 2.87 -12.85 24.01
CA ALA A 208 2.41 -12.25 22.75
C ALA A 208 2.87 -10.79 22.59
N MET A 209 2.79 -10.02 23.67
CA MET A 209 3.32 -8.65 23.70
C MET A 209 4.81 -8.58 23.34
N GLU A 210 5.57 -9.59 23.76
CA GLU A 210 6.99 -9.70 23.39
C GLU A 210 7.16 -9.71 21.88
N LEU A 211 6.14 -10.17 21.17
CA LEU A 211 6.16 -10.33 19.72
C LEU A 211 5.41 -9.22 18.99
N LEU A 212 4.78 -8.34 19.76
CA LEU A 212 4.06 -7.16 19.25
C LEU A 212 4.77 -5.93 19.88
N ARG A 213 6.03 -5.71 19.53
CA ARG A 213 6.78 -4.65 20.23
C ARG A 213 6.80 -3.26 19.55
N VAL A 214 7.60 -3.10 18.51
CA VAL A 214 7.71 -1.82 17.81
C VAL A 214 6.60 -1.67 16.75
N LYS A 215 5.88 -2.77 16.50
CA LYS A 215 4.78 -2.83 15.55
C LYS A 215 3.90 -1.59 15.59
N GLY A 216 3.71 -0.94 14.44
CA GLY A 216 3.13 0.40 14.39
C GLY A 216 1.78 0.54 13.72
N GLN A 217 1.53 1.74 13.20
CA GLN A 217 0.25 2.07 12.56
C GLN A 217 0.44 2.58 11.12
N ARG A 218 1.31 1.90 10.36
CA ARG A 218 1.54 2.19 8.94
C ARG A 218 0.27 2.02 8.09
N SER A 219 0.22 2.78 7.01
CA SER A 219 -0.91 2.82 6.08
C SER A 219 -1.39 1.47 5.65
N TRP A 220 -0.46 0.60 5.26
CA TRP A 220 -0.86 -0.69 4.72
C TRP A 220 -1.46 -1.58 5.80
N SER A 221 -0.94 -1.45 7.02
CA SER A 221 -1.46 -2.19 8.18
C SER A 221 -2.89 -1.72 8.44
N VAL A 222 -3.10 -0.40 8.46
CA VAL A 222 -4.46 0.11 8.66
C VAL A 222 -5.36 -0.31 7.49
N GLY A 223 -4.83 -0.23 6.28
CA GLY A 223 -5.56 -0.68 5.09
C GLY A 223 -6.10 -2.09 5.24
N LEU A 224 -5.27 -3.01 5.73
CA LEU A 224 -5.67 -4.42 5.96
C LEU A 224 -6.68 -4.60 7.08
N SER A 225 -6.53 -3.84 8.17
CA SER A 225 -7.48 -3.80 9.28
C SER A 225 -8.86 -3.35 8.77
N VAL A 226 -8.87 -2.29 7.98
CA VAL A 226 -10.08 -1.79 7.32
C VAL A 226 -10.77 -2.86 6.46
N ALA A 227 -10.02 -3.53 5.58
CA ALA A 227 -10.57 -4.56 4.67
C ALA A 227 -11.32 -5.60 5.47
N ASP A 228 -10.72 -5.96 6.61
CA ASP A 228 -11.20 -7.03 7.50
C ASP A 228 -12.57 -6.64 8.08
N MET A 229 -12.63 -5.45 8.65
CA MET A 229 -13.88 -4.90 9.16
C MET A 229 -14.94 -4.71 8.08
N VAL A 230 -14.54 -4.11 6.96
CA VAL A 230 -15.43 -3.96 5.81
C VAL A 230 -16.04 -5.31 5.42
N ASP A 231 -15.23 -6.37 5.43
CA ASP A 231 -15.72 -7.73 5.09
C ASP A 231 -16.81 -8.20 6.07
N SER A 232 -16.61 -7.96 7.35
CA SER A 232 -17.62 -8.35 8.34
C SER A 232 -18.90 -7.57 8.14
N ILE A 233 -18.78 -6.27 7.85
CA ILE A 233 -19.96 -5.45 7.56
C ILE A 233 -20.71 -5.86 6.27
N VAL A 234 -20.03 -5.86 5.12
CA VAL A 234 -20.77 -6.09 3.87
C VAL A 234 -21.27 -7.53 3.73
N ASN A 235 -20.64 -8.49 4.41
CA ASN A 235 -21.11 -9.88 4.33
C ASN A 235 -21.85 -10.33 5.58
N ASN A 236 -22.14 -9.37 6.44
CA ASN A 236 -22.97 -9.57 7.63
C ASN A 236 -22.47 -10.75 8.44
N LYS A 237 -21.17 -10.73 8.71
CA LYS A 237 -20.52 -11.85 9.41
C LYS A 237 -20.90 -11.95 10.87
N LYS A 238 -21.37 -10.85 11.46
CA LYS A 238 -21.62 -10.83 12.90
C LYS A 238 -20.36 -11.31 13.64
N LYS A 239 -19.22 -10.73 13.26
CA LYS A 239 -17.93 -11.00 13.85
C LYS A 239 -17.55 -9.85 14.83
N VAL A 240 -16.91 -10.20 15.93
CA VAL A 240 -16.53 -9.21 16.95
C VAL A 240 -15.26 -8.54 16.53
N HIS A 241 -15.28 -7.21 16.48
CA HIS A 241 -14.04 -6.43 16.31
C HIS A 241 -14.01 -5.33 17.39
N SER A 242 -12.81 -5.03 17.87
CA SER A 242 -12.66 -3.90 18.73
C SER A 242 -12.57 -2.68 17.83
N VAL A 243 -13.63 -1.88 17.83
CA VAL A 243 -13.70 -0.70 16.99
C VAL A 243 -14.04 0.50 17.88
N SER A 244 -13.69 1.72 17.43
CA SER A 244 -14.06 2.92 18.16
C SER A 244 -15.57 3.05 18.09
N ALA A 245 -16.25 2.97 19.24
CA ALA A 245 -17.70 3.07 19.28
C ALA A 245 -18.10 4.04 20.38
N LEU A 246 -19.27 4.67 20.21
CA LEU A 246 -19.76 5.60 21.24
C LEU A 246 -19.80 4.85 22.58
N ALA A 247 -19.04 5.37 23.55
CA ALA A 247 -18.71 4.62 24.76
C ALA A 247 -19.64 4.97 25.93
N LYS A 248 -20.51 5.95 25.72
CA LYS A 248 -21.51 6.35 26.74
C LYS A 248 -22.29 5.14 27.25
N GLY A 249 -22.33 4.99 28.58
CA GLY A 249 -22.96 3.84 29.22
C GLY A 249 -22.08 2.61 29.40
N TYR A 250 -20.82 2.72 28.97
CA TYR A 250 -19.82 1.66 29.16
C TYR A 250 -18.70 2.23 30.04
N TYR A 251 -18.25 1.45 31.04
CA TYR A 251 -17.20 1.87 31.97
C TYR A 251 -17.49 3.15 32.75
N ASP A 252 -18.76 3.33 33.12
CA ASP A 252 -19.22 4.54 33.82
C ASP A 252 -18.85 5.83 33.10
N ILE A 253 -18.66 5.74 31.78
CA ILE A 253 -18.47 6.94 30.98
C ILE A 253 -19.85 7.53 30.66
N ASN A 254 -19.98 8.84 30.85
CA ASN A 254 -21.24 9.55 30.59
C ASN A 254 -21.08 10.63 29.55
N SER A 255 -19.87 10.76 29.02
CA SER A 255 -19.67 11.76 27.99
C SER A 255 -19.82 11.10 26.62
N GLU A 256 -20.09 11.92 25.62
CA GLU A 256 -20.18 11.47 24.25
C GLU A 256 -18.79 11.38 23.63
N VAL A 257 -18.14 10.23 23.83
CA VAL A 257 -16.82 9.97 23.31
C VAL A 257 -16.80 8.53 22.75
N PHE A 258 -15.94 8.34 21.75
CA PHE A 258 -15.75 7.06 21.11
C PHE A 258 -14.48 6.40 21.60
N LEU A 259 -14.60 5.14 22.03
CA LEU A 259 -13.48 4.36 22.51
C LEU A 259 -13.59 2.99 21.92
N SER A 260 -12.44 2.33 21.76
CA SER A 260 -12.46 1.00 21.14
C SER A 260 -13.05 -0.03 22.11
N LEU A 261 -14.06 -0.74 21.62
CA LEU A 261 -14.79 -1.75 22.38
C LEU A 261 -15.09 -2.92 21.43
N PRO A 262 -15.15 -4.16 21.94
CA PRO A 262 -15.41 -5.33 21.08
C PRO A 262 -16.89 -5.34 20.71
N CYS A 263 -17.17 -5.11 19.43
CA CYS A 263 -18.54 -5.02 18.94
C CYS A 263 -18.78 -6.07 17.89
N ILE A 264 -19.96 -6.73 17.92
CA ILE A 264 -20.42 -7.52 16.80
C ILE A 264 -20.81 -6.61 15.63
N LEU A 265 -20.13 -6.79 14.50
CA LEU A 265 -20.30 -5.95 13.30
C LEU A 265 -21.08 -6.68 12.22
N GLY A 266 -22.03 -6.01 11.60
CA GLY A 266 -22.81 -6.59 10.51
C GLY A 266 -23.23 -5.52 9.56
N THR A 267 -24.19 -5.84 8.70
CA THR A 267 -24.70 -4.89 7.70
C THR A 267 -25.20 -3.59 8.29
N ASN A 268 -25.81 -3.69 9.46
CA ASN A 268 -26.44 -2.54 10.08
C ASN A 268 -25.57 -1.95 11.17
N GLY A 269 -24.28 -2.22 11.09
CA GLY A 269 -23.31 -1.67 12.05
C GLY A 269 -23.06 -2.53 13.28
N VAL A 270 -22.85 -1.87 14.42
CA VAL A 270 -22.71 -2.51 15.73
C VAL A 270 -24.07 -3.00 16.17
N SER A 271 -24.19 -4.30 16.35
CA SER A 271 -25.47 -4.83 16.82
C SER A 271 -25.40 -5.17 18.29
N GLU A 272 -24.18 -5.31 18.80
CA GLU A 272 -23.98 -5.75 20.19
C GLU A 272 -22.59 -5.33 20.68
N VAL A 273 -22.53 -4.76 21.87
CA VAL A 273 -21.24 -4.59 22.54
C VAL A 273 -20.94 -5.79 23.45
N ILE A 274 -19.80 -6.45 23.25
CA ILE A 274 -19.45 -7.64 24.01
C ILE A 274 -19.02 -7.27 25.42
N LYS A 275 -19.51 -8.03 26.41
CA LYS A 275 -19.09 -7.84 27.80
C LYS A 275 -17.74 -8.49 28.08
N THR A 276 -16.94 -7.82 28.90
CA THR A 276 -15.64 -8.30 29.32
C THR A 276 -15.50 -8.12 30.86
N THR A 277 -14.45 -8.66 31.45
CA THR A 277 -14.42 -8.64 32.91
C THR A 277 -13.46 -7.57 33.42
N LEU A 278 -13.87 -6.92 34.51
CA LEU A 278 -13.25 -5.67 34.99
C LEU A 278 -11.73 -5.65 35.05
N GLU A 280 -10.68 -5.08 37.85
CA GLU A 280 -9.63 -4.10 37.73
C GLU A 280 -10.15 -2.66 37.74
N ASP A 281 -9.38 -1.78 38.40
CA ASP A 281 -9.67 -0.33 38.48
C ASP A 281 -8.66 0.52 37.71
N THR A 282 -7.52 -0.07 37.37
CA THR A 282 -6.47 0.60 36.57
C THR A 282 -6.88 0.70 35.10
N VAL A 283 -7.56 -0.33 34.59
CA VAL A 283 -8.18 -0.26 33.28
C VAL A 283 -9.22 0.88 33.23
N THR A 284 -10.11 0.93 34.23
N THR A 284 -10.16 0.91 34.18
CA THR A 284 -11.18 1.93 34.31
CA THR A 284 -11.31 1.84 34.07
C THR A 284 -10.59 3.35 34.29
C THR A 284 -10.87 3.29 34.24
N GLU A 285 -9.53 3.53 35.06
N GLU A 285 -9.91 3.54 35.13
CA GLU A 285 -8.84 4.82 35.22
CA GLU A 285 -9.26 4.85 35.25
C GLU A 285 -8.25 5.29 33.89
C GLU A 285 -8.76 5.27 33.87
N LYS A 286 -7.69 4.36 33.13
N LYS A 286 -7.86 4.46 33.30
CA LYS A 286 -7.18 4.68 31.78
CA LYS A 286 -7.29 4.74 31.97
C LYS A 286 -8.30 5.01 30.80
C LYS A 286 -8.37 5.11 30.96
N LEU A 287 -9.43 4.29 30.90
CA LEU A 287 -10.56 4.52 29.99
C LEU A 287 -11.26 5.83 30.34
N GLN A 288 -11.44 6.08 31.64
CA GLN A 288 -12.06 7.33 32.06
C GLN A 288 -11.20 8.57 31.78
N SER A 289 -9.89 8.48 31.96
N SER A 289 -9.89 8.46 32.00
CA SER A 289 -9.02 9.63 31.68
CA SER A 289 -8.97 9.56 31.69
C SER A 289 -8.88 9.85 30.17
C SER A 289 -9.00 9.84 30.19
N SER A 290 -8.92 8.78 29.37
CA SER A 290 -8.97 8.93 27.92
C SER A 290 -10.25 9.66 27.54
N ALA A 291 -11.38 9.24 28.12
CA ALA A 291 -12.67 9.89 27.85
C ALA A 291 -12.65 11.39 28.17
N SER A 292 -12.11 11.78 29.33
CA SER A 292 -11.96 13.22 29.68
C SER A 292 -11.18 14.04 28.67
N SER A 293 -10.02 13.53 28.26
CA SER A 293 -9.17 14.25 27.32
C SER A 293 -9.84 14.38 25.96
N ILE A 294 -10.46 13.30 25.51
CA ILE A 294 -11.13 13.30 24.22
C ILE A 294 -12.33 14.28 24.27
N HIS A 295 -13.15 14.19 25.32
CA HIS A 295 -14.31 15.09 25.47
C HIS A 295 -13.88 16.57 25.55
N SER A 296 -12.84 16.86 26.34
CA SER A 296 -12.36 18.25 26.47
C SER A 296 -11.94 18.79 25.12
N LEU A 297 -11.13 18.03 24.42
CA LEU A 297 -10.65 18.48 23.11
C LEU A 297 -11.80 18.72 22.13
N GLN A 298 -12.75 17.80 22.12
CA GLN A 298 -13.98 17.94 21.31
C GLN A 298 -14.75 19.25 21.55
N GLN A 299 -14.73 19.76 22.79
CA GLN A 299 -15.38 21.04 23.14
C GLN A 299 -14.70 22.31 22.53
N GLN A 300 -13.46 22.16 22.10
CA GLN A 300 -12.70 23.23 21.43
C GLN A 300 -12.89 23.23 19.92
N LEU A 301 -13.48 22.16 19.39
CA LEU A 301 -13.65 22.03 17.92
C LEU A 301 -14.84 22.84 17.42
N LYS A 302 -14.68 23.42 16.24
CA LYS A 302 -15.76 24.10 15.53
C LYS A 302 -16.35 23.15 14.48
N LEU A 303 -17.59 22.73 14.69
CA LEU A 303 -18.22 21.82 13.75
CA LEU A 303 -18.23 21.82 13.75
C LEU A 303 -19.21 22.56 12.86
N VAL B 14 2.40 -22.25 -13.41
CA VAL B 14 2.22 -21.77 -12.00
C VAL B 14 3.14 -20.57 -11.79
N ASN B 15 2.55 -19.46 -11.36
CA ASN B 15 3.28 -18.20 -11.30
C ASN B 15 3.67 -17.80 -9.89
N LYS B 16 4.86 -18.23 -9.51
CA LYS B 16 5.43 -17.87 -8.25
C LYS B 16 6.28 -16.61 -8.43
N ILE B 17 6.08 -15.66 -7.52
CA ILE B 17 6.75 -14.40 -7.57
C ILE B 17 7.30 -14.10 -6.19
N THR B 18 8.51 -13.53 -6.16
CA THR B 18 9.15 -13.20 -4.90
C THR B 18 9.41 -11.72 -4.85
N VAL B 19 8.97 -11.10 -3.77
CA VAL B 19 9.30 -9.72 -3.51
C VAL B 19 10.32 -9.75 -2.43
N VAL B 20 11.39 -8.99 -2.64
CA VAL B 20 12.50 -8.98 -1.73
C VAL B 20 12.46 -7.65 -1.00
N GLY B 21 12.22 -7.71 0.32
CA GLY B 21 12.23 -6.53 1.17
C GLY B 21 10.82 -6.26 1.63
N GLY B 22 10.67 -6.06 2.94
CA GLY B 22 9.37 -5.83 3.55
C GLY B 22 9.15 -4.40 4.02
N GLY B 23 9.88 -3.44 3.45
CA GLY B 23 9.58 -2.04 3.66
C GLY B 23 8.29 -1.63 2.94
N GLU B 24 8.02 -0.33 2.91
CA GLU B 24 6.82 0.17 2.23
C GLU B 24 6.75 -0.26 0.76
N LEU B 25 7.87 -0.12 0.04
CA LEU B 25 7.91 -0.46 -1.38
C LEU B 25 7.47 -1.91 -1.58
N GLY B 26 8.07 -2.81 -0.79
CA GLY B 26 7.80 -4.24 -0.90
C GLY B 26 6.36 -4.63 -0.59
N ILE B 27 5.78 -4.00 0.43
CA ILE B 27 4.33 -4.20 0.70
C ILE B 27 3.49 -3.63 -0.46
N ALA B 28 3.81 -2.41 -0.89
CA ALA B 28 3.09 -1.81 -2.04
C ALA B 28 3.10 -2.73 -3.24
N CYS B 29 4.27 -3.29 -3.61
CA CYS B 29 4.33 -4.27 -4.71
C CYS B 29 3.45 -5.47 -4.45
N THR B 30 3.53 -5.98 -3.23
CA THR B 30 2.77 -7.15 -2.87
C THR B 30 1.27 -6.92 -2.92
N LEU B 31 0.81 -5.82 -2.33
CA LEU B 31 -0.65 -5.51 -2.35
C LEU B 31 -1.14 -5.31 -3.79
N ALA B 32 -0.36 -4.56 -4.58
CA ALA B 32 -0.70 -4.34 -6.01
C ALA B 32 -0.81 -5.64 -6.78
N ILE B 33 0.15 -6.54 -6.60
CA ILE B 33 0.10 -7.83 -7.30
C ILE B 33 -1.12 -8.70 -6.91
N SER B 34 -1.40 -8.78 -5.60
CA SER B 34 -2.55 -9.51 -5.05
C SER B 34 -3.86 -8.91 -5.49
N ALA B 35 -3.96 -7.58 -5.40
CA ALA B 35 -5.21 -6.88 -5.82
C ALA B 35 -5.70 -7.32 -7.20
N LYS B 36 -4.79 -7.66 -8.11
CA LYS B 36 -5.16 -8.04 -9.47
C LYS B 36 -5.09 -9.55 -9.71
N GLY B 37 -4.69 -10.30 -8.69
CA GLY B 37 -4.57 -11.77 -8.76
C GLY B 37 -3.55 -12.26 -9.77
N ILE B 38 -2.41 -11.55 -9.85
CA ILE B 38 -1.34 -11.78 -10.84
C ILE B 38 -0.54 -13.05 -10.48
N ALA B 39 -0.31 -13.25 -9.18
CA ALA B 39 0.53 -14.36 -8.73
C ALA B 39 -0.29 -15.53 -8.20
N ASP B 40 0.12 -16.75 -8.56
CA ASP B 40 -0.42 -17.98 -7.95
C ASP B 40 0.13 -18.17 -6.56
N ARG B 41 1.39 -17.80 -6.38
CA ARG B 41 2.04 -17.83 -5.08
C ARG B 41 2.91 -16.60 -5.04
N LEU B 42 2.87 -15.91 -3.93
CA LEU B 42 3.68 -14.74 -3.75
C LEU B 42 4.40 -14.83 -2.44
N VAL B 43 5.73 -14.78 -2.50
CA VAL B 43 6.56 -14.82 -1.32
C VAL B 43 7.15 -13.44 -1.07
N LEU B 44 6.91 -12.91 0.13
CA LEU B 44 7.50 -11.65 0.55
C LEU B 44 8.61 -11.89 1.56
N LEU B 45 9.83 -11.46 1.22
CA LEU B 45 10.98 -11.71 2.07
C LEU B 45 11.22 -10.54 3.01
N ASP B 46 10.98 -10.77 4.29
CA ASP B 46 11.21 -9.73 5.28
C ASP B 46 12.62 -9.90 5.80
N LEU B 47 13.47 -8.92 5.56
CA LEU B 47 14.87 -9.04 5.93
C LEU B 47 15.18 -8.27 7.20
N SER B 48 14.15 -7.90 7.96
CA SER B 48 14.31 -7.17 9.22
C SER B 48 14.83 -8.07 10.35
N GLU B 49 15.58 -7.47 11.28
CA GLU B 49 16.03 -8.15 12.52
C GLU B 49 14.81 -8.70 13.27
N GLY B 50 14.92 -9.95 13.74
CA GLY B 50 13.79 -10.67 14.38
C GLY B 50 12.88 -9.85 15.29
N GLY B 53 8.79 -6.82 10.52
CA GLY B 53 8.02 -6.50 11.73
C GLY B 53 6.53 -6.50 11.46
N ALA B 54 6.01 -5.35 11.02
CA ALA B 54 4.59 -5.17 10.69
C ALA B 54 4.19 -5.88 9.40
N THR B 55 5.18 -6.28 8.61
CA THR B 55 5.03 -7.24 7.50
C THR B 55 4.15 -8.48 7.82
N MET B 56 4.12 -8.91 9.07
CA MET B 56 3.28 -10.06 9.47
C MET B 56 1.78 -9.75 9.35
N ASP B 57 1.42 -8.47 9.40
CA ASP B 57 0.04 -8.06 9.12
C ASP B 57 -0.53 -8.70 7.84
N LEU B 58 0.31 -8.87 6.82
CA LEU B 58 -0.15 -9.44 5.56
C LEU B 58 -0.58 -10.91 5.75
N GLU B 59 0.10 -11.63 6.65
CA GLU B 59 -0.30 -12.98 6.97
C GLU B 59 -1.46 -12.98 7.96
N ILE B 60 -1.37 -12.09 8.94
CA ILE B 60 -2.41 -11.92 9.96
C ILE B 60 -3.74 -11.65 9.29
N PHE B 61 -3.73 -10.84 8.25
CA PHE B 61 -4.98 -10.53 7.58
C PHE B 61 -5.21 -11.38 6.34
N ASN B 62 -4.35 -12.38 6.15
CA ASN B 62 -4.65 -13.52 5.29
C ASN B 62 -4.80 -13.14 3.82
N LEU B 63 -3.95 -12.24 3.36
CA LEU B 63 -3.88 -11.89 1.93
C LEU B 63 -3.70 -13.16 1.16
N PRO B 64 -4.59 -13.42 0.18
CA PRO B 64 -4.57 -14.81 -0.36
C PRO B 64 -3.26 -15.11 -1.11
N ASN B 65 -2.74 -16.32 -0.88
CA ASN B 65 -1.45 -16.82 -1.42
C ASN B 65 -0.20 -16.00 -1.10
N VAL B 66 -0.26 -15.15 -0.08
CA VAL B 66 0.92 -14.43 0.37
C VAL B 66 1.62 -15.21 1.47
N GLU B 67 2.87 -15.55 1.23
CA GLU B 67 3.71 -16.17 2.23
C GLU B 67 4.74 -15.15 2.63
N ILE B 68 4.82 -14.88 3.92
CA ILE B 68 5.88 -14.04 4.45
C ILE B 68 6.98 -14.96 5.00
N SER B 69 8.23 -14.60 4.73
CA SER B 69 9.36 -15.40 5.20
C SER B 69 10.61 -14.57 5.44
N LYS B 70 11.49 -15.13 6.27
CA LYS B 70 12.81 -14.57 6.50
C LYS B 70 13.84 -15.48 5.82
N ASP B 71 13.37 -16.59 5.27
CA ASP B 71 14.23 -17.59 4.65
C ASP B 71 14.40 -17.40 3.13
N LEU B 72 15.60 -16.98 2.69
CA LEU B 72 15.85 -16.77 1.25
C LEU B 72 15.39 -17.95 0.39
N SER B 73 15.51 -19.17 0.94
CA SER B 73 15.20 -20.37 0.16
C SER B 73 13.74 -20.47 -0.16
N ALA B 74 12.88 -19.74 0.56
CA ALA B 74 11.43 -19.77 0.25
C ALA B 74 11.13 -19.19 -1.15
N SER B 75 12.07 -18.41 -1.69
CA SER B 75 11.97 -17.86 -3.06
C SER B 75 12.06 -18.88 -4.19
N ALA B 76 12.39 -20.12 -3.87
CA ALA B 76 12.86 -21.05 -4.88
C ALA B 76 11.86 -21.22 -6.00
N HIS B 77 12.38 -21.28 -7.23
CA HIS B 77 11.57 -21.54 -8.42
C HIS B 77 10.61 -20.39 -8.79
N SER B 78 11.02 -19.15 -8.51
CA SER B 78 10.18 -17.98 -8.85
C SER B 78 10.35 -17.63 -10.33
N LYS B 79 9.30 -17.09 -10.95
CA LYS B 79 9.37 -16.58 -12.32
C LYS B 79 9.96 -15.15 -12.35
N VAL B 80 9.72 -14.42 -11.26
CA VAL B 80 10.23 -13.07 -11.12
C VAL B 80 10.64 -12.87 -9.68
N VAL B 81 11.76 -12.19 -9.48
CA VAL B 81 12.20 -11.76 -8.16
C VAL B 81 12.38 -10.25 -8.26
N ILE B 82 11.67 -9.53 -7.39
CA ILE B 82 11.60 -8.09 -7.39
C ILE B 82 12.36 -7.55 -6.21
N PHE B 83 13.38 -6.75 -6.49
CA PHE B 83 14.26 -6.21 -5.46
C PHE B 83 13.73 -4.85 -5.05
N THR B 84 13.24 -4.75 -3.81
CA THR B 84 12.74 -3.48 -3.32
C THR B 84 13.54 -2.96 -2.13
N VAL B 85 14.67 -3.57 -1.79
CA VAL B 85 15.39 -3.19 -0.58
C VAL B 85 16.21 -1.92 -0.78
N ASN B 86 16.28 -1.11 0.26
CA ASN B 86 17.13 0.09 0.27
C ASN B 86 17.79 0.25 1.63
N SER B 87 19.08 0.60 1.65
CA SER B 87 19.76 0.91 2.91
C SER B 87 19.98 2.42 3.11
N GLN B 92 25.22 11.73 5.11
CA GLN B 92 25.85 10.63 4.37
C GLN B 92 26.04 10.99 2.91
N SER B 93 27.26 10.74 2.40
CA SER B 93 27.63 11.05 1.01
C SER B 93 27.01 10.04 0.01
N TYR B 94 26.82 10.49 -1.23
CA TYR B 94 26.09 9.69 -2.22
C TYR B 94 26.78 8.37 -2.49
N LEU B 95 28.09 8.40 -2.75
CA LEU B 95 28.84 7.17 -2.96
C LEU B 95 28.68 6.14 -1.83
N ASP B 96 28.70 6.59 -0.58
CA ASP B 96 28.63 5.71 0.58
C ASP B 96 27.23 5.15 0.70
N VAL B 97 26.22 5.94 0.36
CA VAL B 97 24.83 5.48 0.35
C VAL B 97 24.64 4.37 -0.71
N VAL B 98 25.11 4.59 -1.92
CA VAL B 98 25.07 3.56 -2.95
C VAL B 98 25.83 2.28 -2.50
N GLN B 99 27.06 2.42 -2.04
CA GLN B 99 27.87 1.26 -1.63
C GLN B 99 27.18 0.46 -0.52
N SER B 100 26.54 1.18 0.41
CA SER B 100 25.75 0.51 1.46
C SER B 100 24.62 -0.38 0.85
N ASN B 101 23.99 0.10 -0.21
CA ASN B 101 22.96 -0.68 -0.90
C ASN B 101 23.63 -1.84 -1.64
N VAL B 102 24.77 -1.56 -2.26
CA VAL B 102 25.61 -2.57 -2.89
C VAL B 102 25.98 -3.69 -1.91
N ASP B 103 26.52 -3.31 -0.75
CA ASP B 103 26.81 -4.26 0.33
C ASP B 103 25.62 -5.19 0.67
N MET B 104 24.41 -4.61 0.71
N MET B 104 24.39 -4.65 0.76
CA MET B 104 23.18 -5.33 1.01
CA MET B 104 23.24 -5.50 1.05
C MET B 104 22.78 -6.30 -0.12
C MET B 104 22.86 -6.39 -0.14
N PHE B 105 23.01 -5.88 -1.36
CA PHE B 105 22.72 -6.69 -2.56
C PHE B 105 23.66 -7.92 -2.70
N ARG B 106 24.92 -7.69 -2.36
CA ARG B 106 25.95 -8.74 -2.29
C ARG B 106 25.58 -9.90 -1.38
N ALA B 107 24.92 -9.61 -0.25
CA ALA B 107 24.43 -10.65 0.64
C ALA B 107 23.20 -11.39 0.10
N LEU B 108 22.52 -10.82 -0.88
CA LEU B 108 21.21 -11.32 -1.27
C LEU B 108 21.12 -11.87 -2.70
N VAL B 109 21.65 -11.10 -3.66
CA VAL B 109 21.47 -11.42 -5.08
C VAL B 109 22.02 -12.81 -5.44
N PRO B 110 23.29 -13.10 -5.08
CA PRO B 110 23.80 -14.43 -5.47
C PRO B 110 22.91 -15.57 -4.99
N ALA B 111 22.51 -15.54 -3.72
CA ALA B 111 21.61 -16.56 -3.20
C ALA B 111 20.34 -16.65 -4.03
N LEU B 112 19.68 -15.51 -4.24
CA LEU B 112 18.36 -15.50 -4.85
C LEU B 112 18.44 -15.88 -6.32
N GLY B 113 19.52 -15.51 -7.00
CA GLY B 113 19.76 -15.99 -8.38
C GLY B 113 19.82 -17.50 -8.47
N HIS B 114 20.53 -18.11 -7.51
CA HIS B 114 20.65 -19.56 -7.47
C HIS B 114 19.32 -20.31 -7.16
N TYR B 115 18.46 -19.72 -6.33
CA TYR B 115 17.16 -20.32 -6.02
C TYR B 115 16.18 -20.29 -7.20
N SER B 116 16.33 -19.30 -8.08
CA SER B 116 15.43 -19.13 -9.21
C SER B 116 16.22 -18.80 -10.48
N GLN B 117 17.07 -19.74 -10.89
CA GLN B 117 17.93 -19.60 -12.07
C GLN B 117 17.24 -19.32 -13.41
N HIS B 118 15.93 -19.55 -13.50
CA HIS B 118 15.18 -19.26 -14.74
C HIS B 118 14.33 -18.01 -14.64
N SER B 119 14.48 -17.26 -13.56
CA SER B 119 13.65 -16.07 -13.36
C SER B 119 14.10 -14.81 -14.12
N VAL B 120 13.22 -13.80 -14.11
CA VAL B 120 13.61 -12.45 -14.43
C VAL B 120 13.83 -11.72 -13.08
N LEU B 121 14.97 -11.05 -12.96
CA LEU B 121 15.27 -10.18 -11.81
C LEU B 121 14.82 -8.79 -12.20
N LEU B 122 13.90 -8.24 -11.41
CA LEU B 122 13.34 -6.90 -11.64
C LEU B 122 13.73 -5.99 -10.48
N VAL B 123 14.51 -4.96 -10.79
CA VAL B 123 15.10 -4.13 -9.73
C VAL B 123 14.33 -2.83 -9.53
N ALA B 124 13.72 -2.68 -8.35
CA ALA B 124 13.02 -1.43 -8.05
C ALA B 124 13.79 -0.51 -7.09
N SER B 125 14.86 -1.02 -6.49
CA SER B 125 15.68 -0.26 -5.53
C SER B 125 16.40 0.91 -6.19
N GLN B 126 16.73 1.95 -5.43
CA GLN B 126 17.37 3.15 -5.97
C GLN B 126 18.85 3.19 -5.61
N PRO B 127 19.69 3.84 -6.44
CA PRO B 127 19.40 4.44 -7.77
C PRO B 127 19.27 3.30 -8.79
N VAL B 128 18.19 3.29 -9.56
CA VAL B 128 17.77 2.07 -10.27
C VAL B 128 18.77 1.55 -11.31
N GLU B 129 19.37 2.42 -12.11
CA GLU B 129 20.28 1.98 -13.17
C GLU B 129 21.48 1.29 -12.58
N ILE B 130 22.07 1.91 -11.56
CA ILE B 130 23.23 1.34 -10.86
C ILE B 130 22.88 0.05 -10.13
N MET B 131 21.71 0.00 -9.51
CA MET B 131 21.34 -1.21 -8.75
C MET B 131 20.96 -2.37 -9.71
N THR B 132 20.52 -2.04 -10.92
CA THR B 132 20.24 -3.07 -11.92
C THR B 132 21.56 -3.71 -12.40
N TYR B 133 22.54 -2.88 -12.68
CA TYR B 133 23.89 -3.31 -13.02
C TYR B 133 24.48 -4.19 -11.93
N VAL B 134 24.39 -3.73 -10.69
CA VAL B 134 24.88 -4.49 -9.55
C VAL B 134 24.22 -5.89 -9.50
N THR B 135 22.90 -5.95 -9.61
CA THR B 135 22.18 -7.21 -9.62
C THR B 135 22.64 -8.10 -10.79
N TRP B 136 22.75 -7.51 -11.98
CA TRP B 136 23.27 -8.21 -13.12
C TRP B 136 24.61 -8.91 -12.79
N LYS B 137 25.55 -8.14 -12.23
CA LYS B 137 26.92 -8.63 -12.00
C LYS B 137 26.97 -9.69 -10.89
N LEU B 138 26.23 -9.46 -9.82
CA LEU B 138 26.14 -10.41 -8.69
C LEU B 138 25.44 -11.71 -9.07
N SER B 139 24.40 -11.62 -9.90
CA SER B 139 23.63 -12.83 -10.21
C SER B 139 24.26 -13.68 -11.30
N THR B 140 25.07 -13.06 -12.16
CA THR B 140 25.59 -13.68 -13.40
C THR B 140 24.53 -14.03 -14.46
N PHE B 141 23.30 -13.54 -14.31
CA PHE B 141 22.23 -13.85 -15.27
C PHE B 141 22.54 -13.21 -16.63
N PRO B 142 21.95 -13.72 -17.72
CA PRO B 142 22.13 -12.96 -18.97
C PRO B 142 21.42 -11.61 -18.85
N ALA B 143 21.95 -10.60 -19.51
CA ALA B 143 21.45 -9.22 -19.34
C ALA B 143 19.97 -9.15 -19.63
N ASN B 144 19.47 -9.99 -20.56
CA ASN B 144 18.07 -9.82 -20.97
C ASN B 144 17.10 -10.22 -19.86
N ARG B 145 17.62 -10.90 -18.85
CA ARG B 145 16.80 -11.28 -17.72
C ARG B 145 17.07 -10.48 -16.48
N VAL B 146 17.76 -9.35 -16.64
CA VAL B 146 17.98 -8.44 -15.47
C VAL B 146 17.62 -7.02 -15.87
N ILE B 147 16.54 -6.54 -15.29
CA ILE B 147 15.96 -5.25 -15.69
C ILE B 147 15.58 -4.44 -14.47
N GLY B 148 15.45 -3.13 -14.66
CA GLY B 148 15.02 -2.26 -13.57
C GLY B 148 13.70 -1.61 -13.95
N ILE B 149 13.01 -1.06 -12.96
CA ILE B 149 11.78 -0.33 -13.21
C ILE B 149 11.95 0.89 -14.12
N GLY B 150 13.17 1.41 -14.24
CA GLY B 150 13.44 2.47 -15.22
C GLY B 150 12.41 3.58 -15.21
N CYS B 151 11.88 3.91 -16.40
CA CYS B 151 10.91 4.99 -16.58
C CYS B 151 9.54 4.36 -16.94
N ASN B 152 9.32 3.16 -16.48
CA ASN B 152 8.05 2.52 -16.80
C ASN B 152 6.85 3.31 -16.27
N LEU B 153 6.98 3.82 -15.04
CA LEU B 153 5.90 4.58 -14.41
C LEU B 153 5.64 5.87 -15.18
N ASP B 154 6.70 6.63 -15.44
CA ASP B 154 6.63 7.84 -16.28
C ASP B 154 5.97 7.56 -17.64
N SER B 155 6.45 6.51 -18.32
CA SER B 155 5.92 6.13 -19.64
C SER B 155 4.45 5.76 -19.63
N GLN B 156 4.03 4.98 -18.65
CA GLN B 156 2.64 4.48 -18.64
C GLN B 156 1.69 5.61 -18.32
N ARG B 157 2.13 6.53 -17.47
CA ARG B 157 1.38 7.75 -17.21
C ARG B 157 1.28 8.66 -18.45
N LEU B 158 2.40 8.87 -19.14
CA LEU B 158 2.39 9.69 -20.36
C LEU B 158 1.44 9.13 -21.43
N GLN B 159 1.48 7.83 -21.62
CA GLN B 159 0.70 7.17 -22.66
C GLN B 159 -0.78 7.23 -22.29
N TYR B 160 -1.05 7.05 -21.01
CA TYR B 160 -2.40 7.06 -20.48
C TYR B 160 -3.04 8.41 -20.73
N ILE B 161 -2.33 9.47 -20.34
CA ILE B 161 -2.81 10.82 -20.54
C ILE B 161 -3.10 11.09 -22.00
N ILE B 162 -2.17 10.72 -22.87
CA ILE B 162 -2.38 10.99 -24.28
C ILE B 162 -3.52 10.14 -24.87
N THR B 163 -3.60 8.86 -24.49
CA THR B 163 -4.65 8.00 -25.08
C THR B 163 -6.04 8.23 -24.47
N ASN B 164 -6.11 8.38 -23.16
CA ASN B 164 -7.38 8.46 -22.44
C ASN B 164 -7.83 9.89 -22.14
N VAL B 165 -6.88 10.78 -21.84
CA VAL B 165 -7.26 12.14 -21.53
C VAL B 165 -7.31 12.97 -22.79
N LEU B 166 -6.25 12.95 -23.60
CA LEU B 166 -6.26 13.74 -24.83
C LEU B 166 -6.92 12.97 -25.99
N LYS B 167 -7.25 11.71 -25.75
CA LYS B 167 -7.96 10.90 -26.77
C LYS B 167 -7.18 10.64 -28.07
N ALA B 168 -5.85 10.64 -28.03
CA ALA B 168 -5.09 10.18 -29.18
C ALA B 168 -4.84 8.70 -28.94
N GLN B 169 -5.82 7.85 -29.30
CA GLN B 169 -5.78 6.41 -28.97
C GLN B 169 -4.65 5.61 -29.60
N THR B 170 -4.11 6.07 -30.72
CA THR B 170 -3.00 5.33 -31.34
C THR B 170 -1.67 6.03 -31.12
N SER B 171 -1.62 7.34 -31.36
CA SER B 171 -0.42 8.15 -31.10
C SER B 171 0.15 7.94 -29.70
N GLY B 172 -0.71 7.90 -28.68
CA GLY B 172 -0.26 7.79 -27.27
C GLY B 172 0.52 6.53 -26.94
N LYS B 173 0.31 5.47 -27.73
CA LYS B 173 1.01 4.21 -27.58
C LYS B 173 2.41 4.25 -28.16
N GLU B 174 2.78 5.37 -28.78
CA GLU B 174 4.04 5.42 -29.49
C GLU B 174 5.08 6.38 -28.89
N VAL B 175 4.82 6.93 -27.71
CA VAL B 175 5.75 7.83 -27.06
C VAL B 175 6.27 7.22 -25.74
N TRP B 176 7.57 7.40 -25.49
CA TRP B 176 8.26 6.73 -24.40
C TRP B 176 9.12 7.71 -23.64
N VAL B 177 9.18 7.50 -22.34
CA VAL B 177 10.18 8.20 -21.54
C VAL B 177 11.36 7.24 -21.41
N ILE B 178 12.56 7.74 -21.65
CA ILE B 178 13.75 6.89 -21.68
C ILE B 178 14.92 7.51 -20.89
N GLY B 179 15.96 6.71 -20.71
CA GLY B 179 17.17 7.17 -20.05
C GLY B 179 17.24 6.97 -18.54
N GLU B 180 17.76 7.96 -17.84
CA GLU B 180 18.05 7.80 -16.45
C GLU B 180 16.87 8.34 -15.69
N GLN B 181 16.23 7.52 -14.87
CA GLN B 181 15.02 7.96 -14.17
C GLN B 181 15.26 9.14 -13.20
N GLY B 182 14.37 10.14 -13.24
CA GLY B 182 14.37 11.26 -12.29
C GLY B 182 15.25 12.43 -12.67
N GLU B 183 16.12 12.24 -13.65
CA GLU B 183 17.09 13.25 -14.05
C GLU B 183 16.47 14.30 -15.00
N ASP B 184 15.50 13.86 -15.79
CA ASP B 184 14.92 14.66 -16.87
C ASP B 184 13.69 13.87 -17.30
N LYS B 185 13.04 14.28 -18.38
CA LYS B 185 12.04 13.42 -19.04
C LYS B 185 12.46 13.45 -20.48
N VAL B 186 13.20 12.43 -20.89
CA VAL B 186 13.62 12.34 -22.27
C VAL B 186 12.57 11.55 -23.02
N LEU B 187 12.03 12.15 -24.08
CA LEU B 187 10.95 11.53 -24.81
C LEU B 187 11.49 11.05 -26.17
N THR B 188 11.02 9.88 -26.61
CA THR B 188 11.30 9.39 -27.94
C THR B 188 10.07 8.70 -28.45
N TRP B 189 9.95 8.60 -29.77
CA TRP B 189 8.77 8.00 -30.39
C TRP B 189 9.13 6.74 -31.18
N SER B 190 8.38 5.67 -30.95
CA SER B 190 8.42 4.49 -31.77
C SER B 190 7.42 4.66 -32.92
N GLY B 191 7.34 3.67 -33.80
CA GLY B 191 6.55 3.81 -35.01
C GLY B 191 6.03 2.45 -35.41
N GLN B 192 5.52 1.72 -34.42
CA GLN B 192 5.13 0.34 -34.60
C GLN B 192 3.72 0.19 -35.18
N GLU B 193 2.93 1.26 -35.11
CA GLU B 193 1.52 1.31 -35.56
C GLU B 193 1.13 2.43 -36.51
N GLU B 194 1.69 3.63 -36.32
CA GLU B 194 1.39 4.73 -37.24
C GLU B 194 2.44 5.83 -37.23
N VAL B 195 2.52 6.57 -38.34
CA VAL B 195 3.35 7.76 -38.42
C VAL B 195 2.61 8.84 -37.64
N VAL B 196 3.36 9.60 -36.87
CA VAL B 196 2.82 10.73 -36.15
C VAL B 196 3.63 11.92 -36.61
N SER B 197 2.98 12.94 -37.15
CA SER B 197 3.66 14.14 -37.62
C SER B 197 4.22 14.93 -36.44
N HIS B 198 5.30 15.64 -36.70
CA HIS B 198 5.98 16.39 -35.68
C HIS B 198 5.09 17.39 -34.94
N THR B 199 4.21 18.10 -35.65
CA THR B 199 3.28 19.02 -35.01
C THR B 199 2.35 18.34 -33.99
N SER B 200 1.88 17.13 -34.29
CA SER B 200 1.09 16.34 -33.34
C SER B 200 1.93 15.82 -32.18
N GLN B 201 3.12 15.31 -32.47
CA GLN B 201 4.04 14.89 -31.41
C GLN B 201 4.26 16.01 -30.40
N VAL B 202 4.44 17.23 -30.90
CA VAL B 202 4.75 18.37 -30.03
C VAL B 202 3.53 18.80 -29.18
N GLN B 203 2.36 18.88 -29.80
CA GLN B 203 1.21 19.34 -29.04
C GLN B 203 0.79 18.29 -28.01
N LEU B 204 0.83 17.02 -28.39
CA LEU B 204 0.34 15.97 -27.53
C LEU B 204 1.27 15.84 -26.34
N SER B 205 2.57 15.90 -26.58
CA SER B 205 3.47 15.78 -25.44
C SER B 205 3.57 17.05 -24.57
N ASN B 206 3.49 18.26 -25.14
CA ASN B 206 3.38 19.47 -24.29
C ASN B 206 2.14 19.46 -23.42
N ARG B 207 0.98 19.13 -23.99
CA ARG B 207 -0.25 19.07 -23.21
C ARG B 207 -0.22 17.98 -22.14
N ALA B 208 0.38 16.84 -22.46
CA ALA B 208 0.46 15.73 -21.51
C ALA B 208 1.43 16.07 -20.38
N MET B 209 2.53 16.73 -20.73
CA MET B 209 3.54 17.20 -19.77
C MET B 209 2.99 18.20 -18.77
N GLU B 210 2.07 19.06 -19.20
CA GLU B 210 1.31 19.93 -18.30
C GLU B 210 0.74 19.08 -17.14
N LEU B 211 0.11 17.95 -17.48
CA LEU B 211 -0.51 17.07 -16.50
C LEU B 211 0.45 16.15 -15.75
N LEU B 212 1.65 15.92 -16.29
CA LEU B 212 2.55 14.90 -15.78
C LEU B 212 3.78 15.47 -15.04
N ARG B 213 4.06 16.75 -15.26
CA ARG B 213 5.28 17.39 -14.73
C ARG B 213 5.40 17.33 -13.20
N VAL B 214 4.25 17.39 -12.53
CA VAL B 214 4.17 17.56 -11.07
C VAL B 214 3.99 16.27 -10.25
N LYS B 215 3.95 15.13 -10.92
CA LYS B 215 3.64 13.85 -10.28
C LYS B 215 4.89 13.13 -9.79
N GLY B 216 4.74 12.41 -8.67
CA GLY B 216 5.89 11.82 -7.98
C GLY B 216 6.22 10.38 -8.26
N GLN B 217 6.98 9.80 -7.33
CA GLN B 217 7.44 8.42 -7.41
C GLN B 217 7.23 7.73 -6.07
N ARG B 218 6.07 7.96 -5.45
CA ARG B 218 5.76 7.35 -4.15
C ARG B 218 5.58 5.84 -4.24
N SER B 219 5.79 5.17 -3.11
CA SER B 219 5.87 3.70 -3.05
C SER B 219 4.68 3.01 -3.68
N TRP B 220 3.49 3.57 -3.46
CA TRP B 220 2.27 2.96 -3.96
C TRP B 220 2.23 3.05 -5.46
N SER B 221 2.70 4.16 -6.02
CA SER B 221 2.72 4.33 -7.48
C SER B 221 3.67 3.31 -8.09
N VAL B 222 4.87 3.24 -7.50
CA VAL B 222 5.91 2.35 -8.00
C VAL B 222 5.47 0.88 -7.94
N GLY B 223 4.83 0.51 -6.83
CA GLY B 223 4.28 -0.83 -6.68
C GLY B 223 3.25 -1.21 -7.72
N LEU B 224 2.40 -0.26 -8.13
CA LEU B 224 1.45 -0.49 -9.22
C LEU B 224 2.19 -0.68 -10.52
N SER B 225 3.20 0.14 -10.73
CA SER B 225 4.02 0.04 -11.94
C SER B 225 4.70 -1.35 -12.02
N VAL B 226 5.28 -1.75 -10.89
CA VAL B 226 5.96 -3.03 -10.80
C VAL B 226 4.97 -4.17 -11.07
N ALA B 227 3.76 -4.10 -10.48
CA ALA B 227 2.79 -5.16 -10.67
C ALA B 227 2.46 -5.35 -12.15
N ASP B 228 2.41 -4.23 -12.90
CA ASP B 228 2.08 -4.32 -14.30
C ASP B 228 3.17 -5.02 -15.09
N MET B 229 4.41 -4.66 -14.80
CA MET B 229 5.56 -5.34 -15.44
C MET B 229 5.60 -6.82 -15.11
N VAL B 230 5.40 -7.15 -13.83
CA VAL B 230 5.33 -8.54 -13.41
C VAL B 230 4.24 -9.29 -14.18
N ASP B 231 3.07 -8.66 -14.36
CA ASP B 231 1.94 -9.26 -15.10
C ASP B 231 2.33 -9.63 -16.54
N SER B 232 3.04 -8.70 -17.20
CA SER B 232 3.50 -8.93 -18.56
C SER B 232 4.50 -10.09 -18.61
N ILE B 233 5.40 -10.15 -17.63
CA ILE B 233 6.43 -11.20 -17.61
C ILE B 233 5.81 -12.57 -17.34
N VAL B 234 5.05 -12.70 -16.24
CA VAL B 234 4.53 -14.02 -15.84
C VAL B 234 3.50 -14.58 -16.82
N ASN B 235 2.67 -13.72 -17.41
CA ASN B 235 1.67 -14.16 -18.39
C ASN B 235 2.16 -14.03 -19.83
N ASN B 236 3.45 -13.72 -19.98
CA ASN B 236 4.12 -13.71 -21.27
C ASN B 236 3.36 -12.84 -22.26
N LYS B 237 3.02 -11.62 -21.85
CA LYS B 237 2.18 -10.80 -22.72
C LYS B 237 2.93 -10.24 -23.92
N LYS B 238 4.25 -10.27 -23.90
CA LYS B 238 5.04 -9.60 -24.95
C LYS B 238 4.56 -8.16 -25.14
N LYS B 239 4.52 -7.44 -24.02
CA LYS B 239 4.05 -6.07 -23.99
C LYS B 239 5.25 -5.16 -23.85
N VAL B 240 5.19 -3.97 -24.45
CA VAL B 240 6.35 -3.07 -24.46
C VAL B 240 6.33 -2.23 -23.21
N HIS B 241 7.49 -2.20 -22.53
CA HIS B 241 7.68 -1.41 -21.33
C HIS B 241 9.04 -0.68 -21.40
N SER B 242 9.04 0.59 -21.01
CA SER B 242 10.32 1.30 -20.85
C SER B 242 10.92 0.82 -19.54
N VAL B 243 11.91 -0.08 -19.64
CA VAL B 243 12.54 -0.61 -18.43
C VAL B 243 14.04 -0.31 -18.48
N SER B 244 14.72 -0.24 -17.33
CA SER B 244 16.19 -0.14 -17.32
C SER B 244 16.77 -1.44 -17.87
N ALA B 245 17.46 -1.33 -18.99
CA ALA B 245 17.99 -2.49 -19.70
C ALA B 245 19.43 -2.17 -19.99
N LEU B 246 20.28 -3.20 -20.17
CA LEU B 246 21.68 -2.96 -20.52
C LEU B 246 21.74 -2.18 -21.82
N ALA B 247 22.40 -1.01 -21.81
CA ALA B 247 22.29 -0.06 -22.95
C ALA B 247 23.43 -0.14 -23.97
N LYS B 248 24.44 -0.96 -23.69
CA LYS B 248 25.55 -1.16 -24.65
C LYS B 248 25.04 -1.57 -26.03
N GLY B 249 25.47 -0.83 -27.06
CA GLY B 249 25.01 -1.10 -28.42
C GLY B 249 23.80 -0.27 -28.83
N TYR B 250 23.26 0.52 -27.90
CA TYR B 250 22.16 1.44 -28.24
C TYR B 250 22.66 2.86 -28.01
N TYR B 251 22.20 3.77 -28.85
CA TYR B 251 22.57 5.19 -28.78
C TYR B 251 24.05 5.45 -28.74
N ASP B 252 24.80 4.59 -29.42
CA ASP B 252 26.27 4.66 -29.46
C ASP B 252 26.89 4.61 -28.08
N ILE B 253 26.22 3.90 -27.16
CA ILE B 253 26.75 3.65 -25.85
C ILE B 253 27.56 2.35 -25.94
N ASN B 254 28.79 2.41 -25.44
CA ASN B 254 29.70 1.26 -25.47
C ASN B 254 30.11 0.78 -24.08
N SER B 255 29.59 1.45 -23.06
CA SER B 255 29.82 1.02 -21.68
C SER B 255 28.68 0.13 -21.14
N GLU B 256 28.99 -0.60 -20.09
CA GLU B 256 28.04 -1.48 -19.43
C GLU B 256 27.21 -0.72 -18.43
N VAL B 257 26.22 0.01 -18.96
CA VAL B 257 25.29 0.78 -18.15
C VAL B 257 23.89 0.45 -18.61
N PHE B 258 22.95 0.57 -17.69
CA PHE B 258 21.54 0.32 -17.89
C PHE B 258 20.87 1.68 -18.01
N LEU B 259 20.00 1.82 -19.00
CA LEU B 259 19.16 3.01 -19.14
C LEU B 259 17.80 2.52 -19.53
N SER B 260 16.78 3.33 -19.24
CA SER B 260 15.44 2.92 -19.58
C SER B 260 15.20 2.95 -21.10
N LEU B 261 14.70 1.84 -21.62
CA LEU B 261 14.48 1.64 -23.05
C LEU B 261 13.19 0.84 -23.24
N PRO B 262 12.44 1.13 -24.32
CA PRO B 262 11.20 0.40 -24.68
C PRO B 262 11.53 -1.04 -25.07
N CYS B 263 11.15 -2.00 -24.23
CA CYS B 263 11.53 -3.38 -24.47
C CYS B 263 10.27 -4.19 -24.44
N ILE B 264 10.14 -5.15 -25.34
CA ILE B 264 9.10 -6.20 -25.21
C ILE B 264 9.45 -7.21 -24.10
N LEU B 265 8.53 -7.37 -23.13
CA LEU B 265 8.71 -8.27 -21.97
C LEU B 265 7.85 -9.54 -22.06
N GLY B 266 8.45 -10.66 -21.70
CA GLY B 266 7.76 -11.93 -21.60
C GLY B 266 8.42 -12.78 -20.53
N THR B 267 8.04 -14.06 -20.52
CA THR B 267 8.54 -15.05 -19.58
C THR B 267 10.04 -15.02 -19.43
N ASN B 268 10.71 -14.81 -20.57
CA ASN B 268 12.15 -14.93 -20.62
C ASN B 268 12.86 -13.58 -20.63
N GLY B 269 12.13 -12.55 -20.18
CA GLY B 269 12.66 -11.22 -20.02
C GLY B 269 12.44 -10.38 -21.25
N VAL B 270 13.45 -9.60 -21.60
CA VAL B 270 13.48 -8.70 -22.75
C VAL B 270 13.73 -9.56 -23.97
N SER B 271 12.73 -9.64 -24.84
CA SER B 271 12.95 -10.35 -26.10
C SER B 271 13.38 -9.42 -27.24
N GLU B 272 13.09 -8.12 -27.08
CA GLU B 272 13.35 -7.14 -28.15
C GLU B 272 13.41 -5.72 -27.59
N VAL B 273 14.41 -4.93 -28.01
CA VAL B 273 14.45 -3.48 -27.73
C VAL B 273 13.80 -2.76 -28.92
N ILE B 274 12.75 -1.98 -28.64
CA ILE B 274 11.99 -1.31 -29.71
C ILE B 274 12.83 -0.18 -30.33
N LYS B 275 12.81 -0.07 -31.66
CA LYS B 275 13.49 1.06 -32.32
C LYS B 275 12.67 2.34 -32.25
N THR B 276 13.34 3.45 -31.98
CA THR B 276 12.63 4.71 -31.92
C THR B 276 13.38 5.67 -32.84
N THR B 277 12.84 6.88 -33.04
CA THR B 277 13.56 7.87 -33.81
C THR B 277 13.97 9.03 -32.91
N LEU B 278 15.25 9.41 -32.98
CA LEU B 278 15.77 10.45 -32.08
C LEU B 278 16.93 11.22 -32.71
N LYS B 279 16.87 12.54 -32.58
CA LYS B 279 17.97 13.44 -32.95
C LYS B 279 19.25 13.16 -32.15
N THR B 282 21.96 14.63 -31.02
CA THR B 282 21.89 15.81 -30.15
C THR B 282 21.23 15.49 -28.80
N VAL B 283 20.03 14.91 -28.85
CA VAL B 283 19.31 14.42 -27.66
C VAL B 283 19.90 13.09 -27.14
N THR B 284 20.59 12.35 -28.02
CA THR B 284 21.34 11.17 -27.60
C THR B 284 22.53 11.61 -26.71
N GLU B 285 22.96 12.87 -26.85
CA GLU B 285 23.83 13.56 -25.87
C GLU B 285 23.33 13.48 -24.39
N LYS B 286 22.05 13.75 -24.13
CA LYS B 286 21.48 13.49 -22.80
C LYS B 286 21.70 12.02 -22.33
N LEU B 287 21.47 11.08 -23.23
CA LEU B 287 21.64 9.67 -22.91
C LEU B 287 23.10 9.32 -22.65
N GLN B 288 23.98 9.81 -23.52
CA GLN B 288 25.39 9.54 -23.39
C GLN B 288 25.99 10.19 -22.14
N SER B 289 25.47 11.36 -21.75
CA SER B 289 25.97 11.98 -20.53
C SER B 289 25.55 11.20 -19.28
N SER B 290 24.29 10.74 -19.24
CA SER B 290 23.83 9.83 -18.17
C SER B 290 24.70 8.57 -18.18
N ALA B 291 24.89 7.95 -19.33
CA ALA B 291 25.70 6.72 -19.37
C ALA B 291 27.08 6.95 -18.78
N SER B 292 27.70 8.06 -19.19
CA SER B 292 29.07 8.37 -18.80
C SER B 292 29.15 8.58 -17.29
N SER B 293 28.13 9.25 -16.75
CA SER B 293 28.04 9.54 -15.32
C SER B 293 27.74 8.29 -14.49
N ILE B 294 26.83 7.45 -14.97
CA ILE B 294 26.54 6.16 -14.33
C ILE B 294 27.79 5.25 -14.34
N HIS B 295 28.44 5.14 -15.49
CA HIS B 295 29.65 4.34 -15.61
C HIS B 295 30.76 4.77 -14.65
N SER B 296 31.06 6.08 -14.62
CA SER B 296 32.07 6.64 -13.67
C SER B 296 31.76 6.27 -12.24
N LEU B 297 30.51 6.40 -11.85
CA LEU B 297 30.11 6.02 -10.50
C LEU B 297 30.27 4.51 -10.24
N GLN B 298 29.81 3.70 -11.19
CA GLN B 298 29.92 2.25 -11.10
C GLN B 298 31.37 1.79 -10.92
N GLN B 299 32.28 2.45 -11.62
CA GLN B 299 33.69 2.08 -11.51
CA GLN B 299 33.73 2.20 -11.53
C GLN B 299 34.28 2.36 -10.13
N GLN B 300 33.55 3.11 -9.31
CA GLN B 300 34.00 3.45 -7.95
C GLN B 300 33.42 2.53 -6.87
N LEU B 301 32.59 1.57 -7.28
CA LEU B 301 31.87 0.68 -6.36
C LEU B 301 32.63 -0.60 -6.14
N LYS B 302 32.49 -1.18 -4.95
CA LYS B 302 33.08 -2.46 -4.63
C LYS B 302 32.03 -3.55 -4.62
N LEU B 303 32.14 -4.48 -5.57
CA LEU B 303 31.22 -5.60 -5.71
C LEU B 303 31.82 -6.85 -5.06
S SO4 C . -6.54 -22.85 24.97
O1 SO4 C . -5.70 -23.89 24.40
O2 SO4 C . -5.79 -21.96 25.91
O3 SO4 C . -7.66 -23.41 25.71
O4 SO4 C . -7.04 -22.08 23.84
S SO4 D . -6.66 -22.54 31.97
O1 SO4 D . -5.32 -22.54 32.58
O2 SO4 D . -6.91 -21.24 31.31
O3 SO4 D . -7.61 -22.80 33.04
O4 SO4 D . -6.81 -23.65 30.99
C1 GOL E . -7.16 -0.20 14.61
O1 GOL E . -7.50 -0.85 13.42
C2 GOL E . -5.68 0.14 14.72
O2 GOL E . -5.50 1.43 14.21
C3 GOL E . -5.21 0.14 16.19
O3 GOL E . -4.78 -1.11 16.71
C1 GOL F . -0.24 -21.13 33.02
O1 GOL F . -0.83 -21.11 31.73
C2 GOL F . -0.74 -22.29 33.92
O2 GOL F . -2.15 -22.38 33.95
C3 GOL F . -0.16 -23.64 33.49
O3 GOL F . 1.25 -23.56 33.41
C1 GOL G . -18.89 16.61 -6.39
O1 GOL G . -17.78 16.22 -5.61
C2 GOL G . -20.16 16.68 -5.55
O2 GOL G . -20.09 17.84 -4.74
C3 GOL G . -21.39 16.84 -6.44
O3 GOL G . -21.60 15.78 -7.35
C1 GOL H . 0.54 2.48 -12.43
O1 GOL H . -0.71 1.86 -12.63
C2 GOL H . 0.91 3.28 -13.69
O2 GOL H . 0.78 4.66 -13.42
C3 GOL H . 2.37 3.01 -14.00
O3 GOL H . 2.52 1.69 -14.40
C1 GOL I . -18.09 -3.35 27.06
O1 GOL I . -17.02 -4.13 26.58
C2 GOL I . -18.28 -3.44 28.58
O2 GOL I . -19.63 -3.16 28.95
C3 GOL I . -17.66 -4.68 29.24
O3 GOL I . -18.50 -5.35 30.17
S SO4 J . -4.31 9.66 -33.08
O1 SO4 J . -4.01 8.61 -32.12
O2 SO4 J . -3.41 10.79 -32.86
O3 SO4 J . -5.70 10.04 -32.86
O4 SO4 J . -4.09 9.12 -34.40
S SO4 K . -0.81 13.61 -37.87
O1 SO4 K . -0.01 13.08 -36.75
O2 SO4 K . -1.04 15.05 -37.72
O3 SO4 K . -2.09 12.89 -37.98
O4 SO4 K . -0.11 13.36 -39.15
C1 GOL L . 9.00 5.76 -12.99
O1 GOL L . 9.22 6.24 -14.30
C2 GOL L . 9.80 4.52 -12.60
O2 GOL L . 9.69 4.34 -11.20
C3 GOL L . 9.38 3.29 -13.41
O3 GOL L . 8.61 2.29 -12.78
C1 GOL M . -1.22 19.35 -34.71
O1 GOL M . -1.76 18.14 -34.21
C2 GOL M . -1.55 19.58 -36.19
O2 GOL M . -1.09 18.51 -36.99
C3 GOL M . -3.05 19.77 -36.40
O3 GOL M . -3.45 20.89 -35.64
#